data_9CBJ
#
_entry.id   9CBJ
#
_cell.length_a   81.149
_cell.length_b   81.149
_cell.length_c   241.739
_cell.angle_alpha   90.000
_cell.angle_beta   90.000
_cell.angle_gamma   120.000
#
_symmetry.space_group_name_H-M   'P 31 2 1'
#
loop_
_entity.id
_entity.type
_entity.pdbx_description
1 polymer 'Polyamine deacetylase HDAC10'
2 non-polymer 1-[4-(3-aminopropyl)phenyl]-2-sulfanylethan-1-one
3 non-polymer 1,2-ETHANEDIOL
4 non-polymer 'POTASSIUM ION'
5 non-polymer 'PHOSPHATE ION'
6 non-polymer 'ZINC ION'
7 water water
#
_entity_poly.entity_id   1
_entity_poly.type   'polypeptide(L)'
_entity_poly.pdbx_seq_one_letter_code
;AASGSALIFDEEMSRYKLLWTDPECEIEVPERLTVSYEALRTHGLAQRCKAVPVRQATEQEILLAHSEEYLEAVKQTPGM
NVEELMAFSKKYNAVYFHQNIYHCAKLAAGATLQLVDSVMKREVRNGMALVRPPGHHSQRSAANGFCVFNNVAFAALYAK
KNYNLNRILIVDWDVHHGQGIQYCFEEDPSVLYFSWHRYEHQSFWPNLPESDYSSVGKGKGSGFNINLPWNKVGMTNSDY
LAAFFHVLLPVAYEFDPELVIVSAGFDSAIGDPEGEMCALPEIFAHLTHLLMPLAAGKMCVVLEGGYNLTSLGQSVCQTV
HSLLGDPTPRISGLGTACDSALESIQNVRNVQSSYWSSFKHLAQSETNPKRPRLDATNGGPKESSEPASESNPKKTAQDI
VWPEPLKRMPASVRTVVVPPPGVELTLPKNCQHSGDISESTAKEVQRIRDKHFHDLTDQNILRSLGNIISVLDRMMRSDE
VCNGCVVVSDLSVSVQCALQHALTEPAERVLVVYVGDGELPVKTNDGKVFLVQICTKETEDKCVNRLTLCLREGESLTAG
FMQALLGLILPVAYEFNPALVLGIVEETAAKTRLMRVWGHMTCLIQGLARGRMLTLLQGYDKDLLELTVSALSGASISPL
GPLRAPKPEDVEMMEKQRQRLQERWGLLRCTVSESW
;
_entity_poly.pdbx_strand_id   A
#
loop_
_chem_comp.id
_chem_comp.type
_chem_comp.name
_chem_comp.formula
A1AVP non-polymer 1-[4-(3-aminopropyl)phenyl]-2-sulfanylethan-1-one 'C11 H15 N O S'
EDO non-polymer 1,2-ETHANEDIOL 'C2 H6 O2'
K non-polymer 'POTASSIUM ION' 'K 1'
PO4 non-polymer 'PHOSPHATE ION' 'O4 P -3'
ZN non-polymer 'ZINC ION' 'Zn 2'
#
# COMPACT_ATOMS: atom_id res chain seq x y z
N ALA A 2 -11.73 -6.63 -15.11
CA ALA A 2 -11.46 -5.21 -14.92
C ALA A 2 -9.99 -4.89 -15.10
N SER A 3 -9.69 -3.87 -15.89
CA SER A 3 -8.31 -3.49 -16.17
C SER A 3 -8.23 -1.98 -16.37
N GLY A 4 -7.04 -1.44 -16.15
CA GLY A 4 -6.79 -0.02 -16.36
C GLY A 4 -6.95 0.79 -15.10
N SER A 5 -6.48 2.04 -15.19
CA SER A 5 -6.56 3.00 -14.09
C SER A 5 -7.15 4.30 -14.62
N ALA A 6 -8.05 4.89 -13.84
CA ALA A 6 -8.72 6.11 -14.25
C ALA A 6 -7.99 7.33 -13.70
N LEU A 7 -7.73 8.30 -14.58
CA LEU A 7 -7.22 9.61 -14.18
C LEU A 7 -8.31 10.64 -14.42
N ILE A 8 -8.73 11.31 -13.35
CA ILE A 8 -9.79 12.30 -13.42
C ILE A 8 -9.20 13.65 -13.04
N PHE A 9 -9.26 14.60 -13.98
CA PHE A 9 -8.64 15.91 -13.80
C PHE A 9 -9.28 16.88 -14.77
N ASP A 10 -9.35 18.15 -14.36
CA ASP A 10 -9.86 19.20 -15.23
C ASP A 10 -9.23 20.53 -14.85
N GLU A 11 -8.78 21.27 -15.85
CA GLU A 11 -8.13 22.56 -15.63
C GLU A 11 -9.03 23.54 -14.89
N GLU A 12 -10.35 23.36 -14.97
CA GLU A 12 -11.26 24.31 -14.34
C GLU A 12 -11.08 24.35 -12.82
N MET A 13 -10.67 23.23 -12.21
CA MET A 13 -10.42 23.23 -10.77
C MET A 13 -9.16 23.99 -10.38
N SER A 14 -8.41 24.52 -11.35
CA SER A 14 -7.29 25.40 -11.04
C SER A 14 -7.64 26.87 -11.27
N ARG A 15 -8.91 27.18 -11.47
CA ARG A 15 -9.33 28.55 -11.73
C ARG A 15 -10.00 29.17 -10.50
N TYR A 16 -9.31 29.08 -9.35
CA TYR A 16 -9.68 29.83 -8.17
C TYR A 16 -8.43 29.96 -7.30
N LYS A 17 -8.31 31.09 -6.61
CA LYS A 17 -7.10 31.37 -5.85
C LYS A 17 -7.43 32.32 -4.72
N LEU A 18 -6.45 32.52 -3.83
CA LEU A 18 -6.58 33.48 -2.75
C LEU A 18 -6.40 34.90 -3.30
N LEU A 19 -7.36 35.78 -2.99
CA LEU A 19 -7.39 37.11 -3.57
C LEU A 19 -6.88 38.20 -2.63
N TRP A 20 -6.70 37.91 -1.36
CA TRP A 20 -6.19 38.86 -0.39
C TRP A 20 -4.95 38.29 0.31
N THR A 21 -4.35 39.10 1.17
CA THR A 21 -3.19 38.65 1.92
C THR A 21 -3.64 37.81 3.11
N ASP A 22 -3.11 36.59 3.20
CA ASP A 22 -3.49 35.63 4.22
C ASP A 22 -2.41 34.55 4.27
N PRO A 23 -1.36 34.74 5.08
CA PRO A 23 -0.24 33.80 5.05
C PRO A 23 -0.64 32.37 5.38
N GLU A 24 -1.74 32.20 6.12
CA GLU A 24 -2.22 30.87 6.48
C GLU A 24 -2.57 30.05 5.26
N CYS A 25 -3.09 30.69 4.21
CA CYS A 25 -3.58 29.99 3.03
C CYS A 25 -2.71 30.18 1.79
N GLU A 26 -1.61 30.94 1.90
CA GLU A 26 -0.80 31.24 0.73
C GLU A 26 -0.24 30.00 0.04
N ILE A 27 -0.22 28.86 0.73
CA ILE A 27 0.37 27.65 0.16
C ILE A 27 -0.59 26.95 -0.80
N GLU A 28 -1.91 27.09 -0.58
CA GLU A 28 -2.91 26.37 -1.37
C GLU A 28 -3.13 27.12 -2.68
N VAL A 29 -2.33 26.77 -3.68
CA VAL A 29 -2.31 27.51 -4.94
C VAL A 29 -2.86 26.65 -6.08
N PRO A 30 -3.39 27.26 -7.13
CA PRO A 30 -3.85 26.45 -8.28
C PRO A 30 -2.73 25.65 -8.94
N GLU A 31 -1.50 26.17 -8.91
CA GLU A 31 -0.37 25.48 -9.54
C GLU A 31 -0.24 24.05 -9.05
N ARG A 32 -0.68 23.77 -7.82
CA ARG A 32 -0.63 22.40 -7.29
C ARG A 32 -1.22 21.41 -8.28
N LEU A 33 -2.34 21.77 -8.92
CA LEU A 33 -2.92 20.88 -9.92
C LEU A 33 -2.02 20.80 -11.16
N THR A 34 -1.67 21.96 -11.72
CA THR A 34 -0.93 21.97 -12.98
C THR A 34 0.36 21.17 -12.87
N VAL A 35 1.23 21.57 -11.93
CA VAL A 35 2.47 20.85 -11.67
C VAL A 35 2.21 19.36 -11.54
N SER A 36 1.13 18.99 -10.85
CA SER A 36 0.82 17.56 -10.70
C SER A 36 0.57 16.93 -12.06
N TYR A 37 -0.39 17.47 -12.81
CA TYR A 37 -0.79 16.83 -14.06
C TYR A 37 0.38 16.77 -15.03
N GLU A 38 1.06 17.91 -15.24
CA GLU A 38 2.22 17.93 -16.10
C GLU A 38 3.26 16.89 -15.68
N ALA A 39 3.40 16.67 -14.38
CA ALA A 39 4.29 15.60 -13.91
C ALA A 39 3.89 14.28 -14.56
N LEU A 40 2.64 13.86 -14.35
CA LEU A 40 2.15 12.64 -14.99
C LEU A 40 2.28 12.71 -16.50
N ARG A 41 2.22 13.92 -17.06
CA ARG A 41 2.39 14.05 -18.51
C ARG A 41 3.84 13.82 -18.92
N THR A 42 4.79 14.37 -18.16
CA THR A 42 6.19 14.28 -18.56
C THR A 42 6.70 12.85 -18.51
N HIS A 43 6.24 12.07 -17.54
CA HIS A 43 6.68 10.69 -17.37
C HIS A 43 5.84 9.69 -18.13
N GLY A 44 4.88 10.16 -18.94
CA GLY A 44 4.06 9.25 -19.73
C GLY A 44 3.06 8.45 -18.94
N LEU A 45 2.75 8.84 -17.71
CA LEU A 45 1.81 8.08 -16.91
C LEU A 45 0.37 8.45 -17.26
N ALA A 46 0.08 9.76 -17.37
CA ALA A 46 -1.28 10.19 -17.66
C ALA A 46 -1.82 9.60 -18.95
N GLN A 47 -0.94 9.39 -19.93
CA GLN A 47 -1.38 8.84 -21.22
C GLN A 47 -1.80 7.39 -21.12
N ARG A 48 -1.38 6.67 -20.07
CA ARG A 48 -1.73 5.28 -19.89
C ARG A 48 -2.99 5.08 -19.07
N CYS A 49 -3.61 6.15 -18.59
CA CYS A 49 -4.81 6.07 -17.77
C CYS A 49 -6.05 6.43 -18.59
N LYS A 50 -7.17 5.80 -18.23
CA LYS A 50 -8.45 6.17 -18.81
C LYS A 50 -8.89 7.52 -18.27
N ALA A 51 -9.09 8.49 -19.16
CA ALA A 51 -9.37 9.87 -18.77
C ALA A 51 -10.87 10.04 -18.63
N VAL A 52 -11.40 9.71 -17.45
CA VAL A 52 -12.82 9.88 -17.19
C VAL A 52 -13.11 11.35 -16.94
N PRO A 53 -14.11 11.92 -17.60
CA PRO A 53 -14.38 13.36 -17.44
C PRO A 53 -15.00 13.68 -16.09
N VAL A 54 -14.90 14.96 -15.73
CA VAL A 54 -15.43 15.49 -14.47
C VAL A 54 -16.90 15.84 -14.65
N ARG A 55 -17.68 15.72 -13.57
CA ARG A 55 -19.03 16.22 -13.51
C ARG A 55 -19.22 17.01 -12.22
N GLN A 56 -20.34 17.74 -12.15
CA GLN A 56 -20.73 18.40 -10.91
C GLN A 56 -21.43 17.40 -10.00
N ALA A 57 -21.20 17.54 -8.70
CA ALA A 57 -21.98 16.81 -7.72
C ALA A 57 -23.35 17.46 -7.58
N THR A 58 -24.39 16.65 -7.50
CA THR A 58 -25.74 17.17 -7.41
C THR A 58 -26.02 17.67 -5.99
N GLU A 59 -27.14 18.38 -5.84
CA GLU A 59 -27.52 18.91 -4.53
C GLU A 59 -27.78 17.78 -3.54
N GLN A 60 -28.44 16.72 -3.99
CA GLN A 60 -28.68 15.58 -3.10
C GLN A 60 -27.37 14.92 -2.70
N GLU A 61 -26.47 14.74 -3.66
CA GLU A 61 -25.15 14.17 -3.35
C GLU A 61 -24.41 15.04 -2.33
N ILE A 62 -24.50 16.37 -2.46
CA ILE A 62 -23.88 17.25 -1.48
C ILE A 62 -24.55 17.09 -0.12
N LEU A 63 -25.87 16.95 -0.10
CA LEU A 63 -26.58 16.80 1.15
C LEU A 63 -26.36 15.44 1.81
N LEU A 64 -25.76 14.49 1.10
CA LEU A 64 -25.35 13.24 1.74
C LEU A 64 -24.45 13.48 2.95
N ALA A 65 -23.67 14.56 2.95
CA ALA A 65 -22.67 14.79 3.98
C ALA A 65 -22.68 16.18 4.58
N HIS A 66 -23.50 17.11 4.08
CA HIS A 66 -23.52 18.47 4.58
C HIS A 66 -24.96 18.92 4.80
N SER A 67 -25.10 19.99 5.57
CA SER A 67 -26.42 20.50 5.93
C SER A 67 -26.91 21.47 4.86
N GLU A 68 -28.23 21.59 4.78
CA GLU A 68 -28.83 22.49 3.79
C GLU A 68 -28.49 23.94 4.07
N GLU A 69 -28.34 24.31 5.35
CA GLU A 69 -27.99 25.68 5.69
C GLU A 69 -26.61 26.04 5.18
N TYR A 70 -25.62 25.19 5.43
CA TYR A 70 -24.26 25.45 4.96
C TYR A 70 -24.18 25.39 3.45
N LEU A 71 -24.94 24.48 2.82
CA LEU A 71 -24.97 24.42 1.36
C LEU A 71 -25.54 25.70 0.76
N GLU A 72 -26.64 26.21 1.34
CA GLU A 72 -27.22 27.47 0.86
C GLU A 72 -26.27 28.64 1.11
N ALA A 73 -25.52 28.59 2.21
CA ALA A 73 -24.55 29.65 2.49
C ALA A 73 -23.44 29.68 1.45
N VAL A 74 -22.89 28.50 1.11
CA VAL A 74 -21.82 28.46 0.13
C VAL A 74 -22.34 28.75 -1.27
N LYS A 75 -23.57 28.35 -1.56
CA LYS A 75 -24.16 28.54 -2.88
C LYS A 75 -24.25 30.01 -3.28
N GLN A 76 -24.13 30.92 -2.32
CA GLN A 76 -24.24 32.35 -2.58
C GLN A 76 -22.89 33.03 -2.77
N THR A 77 -21.79 32.33 -2.51
CA THR A 77 -20.47 32.94 -2.70
C THR A 77 -20.17 33.35 -4.15
N PRO A 78 -20.63 32.66 -5.19
CA PRO A 78 -20.36 33.14 -6.55
C PRO A 78 -20.87 34.55 -6.83
N GLY A 79 -21.80 35.06 -6.03
CA GLY A 79 -22.31 36.40 -6.24
C GLY A 79 -21.62 37.49 -5.44
N MET A 80 -20.62 37.15 -4.64
CA MET A 80 -19.97 38.12 -3.75
C MET A 80 -18.73 38.72 -4.41
N ASN A 81 -18.43 39.96 -4.04
CA ASN A 81 -17.18 40.58 -4.41
C ASN A 81 -16.10 40.26 -3.38
N VAL A 82 -14.91 40.81 -3.57
CA VAL A 82 -13.75 40.39 -2.78
C VAL A 82 -13.95 40.72 -1.30
N GLU A 83 -14.57 41.86 -1.01
CA GLU A 83 -14.80 42.26 0.38
C GLU A 83 -15.78 41.30 1.05
N GLU A 84 -16.89 40.99 0.38
CA GLU A 84 -17.86 40.05 0.92
C GLU A 84 -17.27 38.65 1.04
N LEU A 85 -16.43 38.25 0.09
CA LEU A 85 -15.78 36.95 0.18
C LEU A 85 -14.83 36.88 1.36
N MET A 86 -14.07 37.95 1.61
CA MET A 86 -13.17 37.97 2.75
C MET A 86 -13.94 37.90 4.07
N ALA A 87 -15.04 38.67 4.17
CA ALA A 87 -15.88 38.61 5.35
C ALA A 87 -16.43 37.20 5.55
N PHE A 88 -16.87 36.55 4.48
CA PHE A 88 -17.39 35.19 4.58
C PHE A 88 -16.30 34.22 5.02
N SER A 89 -15.07 34.41 4.52
CA SER A 89 -13.98 33.52 4.87
C SER A 89 -13.56 33.67 6.32
N LYS A 90 -13.72 34.87 6.89
CA LYS A 90 -13.36 35.07 8.29
C LYS A 90 -14.20 34.22 9.24
N LYS A 91 -15.36 33.74 8.79
CA LYS A 91 -16.25 32.96 9.64
C LYS A 91 -15.79 31.52 9.85
N TYR A 92 -14.80 31.05 9.11
CA TYR A 92 -14.26 29.71 9.26
C TYR A 92 -12.77 29.78 9.50
N ASN A 93 -12.17 28.63 9.78
CA ASN A 93 -10.77 28.55 10.16
C ASN A 93 -9.92 28.06 8.99
N ALA A 94 -8.90 28.83 8.63
CA ALA A 94 -7.92 28.46 7.60
C ALA A 94 -8.60 28.18 6.27
N VAL A 95 -9.43 29.12 5.83
CA VAL A 95 -10.27 28.93 4.65
C VAL A 95 -10.40 30.26 3.92
N TYR A 96 -10.31 30.21 2.59
CA TYR A 96 -10.65 31.33 1.74
C TYR A 96 -11.67 30.89 0.70
N PHE A 97 -12.51 31.83 0.28
CA PHE A 97 -13.53 31.58 -0.72
C PHE A 97 -13.27 32.44 -1.95
N HIS A 98 -13.78 31.96 -3.10
CA HIS A 98 -13.56 32.59 -4.39
C HIS A 98 -14.86 32.51 -5.18
N GLN A 99 -14.99 33.36 -6.20
CA GLN A 99 -16.23 33.38 -6.97
CA GLN A 99 -16.22 33.38 -6.98
C GLN A 99 -16.47 32.05 -7.69
N ASN A 100 -15.40 31.32 -8.00
CA ASN A 100 -15.51 30.04 -8.69
C ASN A 100 -15.33 28.84 -7.75
N ILE A 101 -15.16 29.08 -6.45
CA ILE A 101 -14.79 27.98 -5.56
C ILE A 101 -15.97 27.04 -5.31
N TYR A 102 -17.19 27.55 -5.32
CA TYR A 102 -18.36 26.67 -5.20
C TYR A 102 -18.45 25.74 -6.40
N HIS A 103 -18.31 26.32 -7.60
CA HIS A 103 -18.25 25.54 -8.83
C HIS A 103 -17.13 24.49 -8.76
N CYS A 104 -15.93 24.92 -8.39
CA CYS A 104 -14.79 24.00 -8.36
C CYS A 104 -14.95 22.91 -7.30
N ALA A 105 -15.60 23.23 -6.17
CA ALA A 105 -15.80 22.21 -5.14
C ALA A 105 -16.85 21.20 -5.59
N LYS A 106 -17.91 21.66 -6.25
CA LYS A 106 -18.83 20.73 -6.88
C LYS A 106 -18.12 19.85 -7.89
N LEU A 107 -17.17 20.42 -8.64
CA LEU A 107 -16.41 19.63 -9.60
C LEU A 107 -15.52 18.61 -8.91
N ALA A 108 -14.91 18.99 -7.78
CA ALA A 108 -14.04 18.06 -7.06
C ALA A 108 -14.83 16.88 -6.52
N ALA A 109 -15.97 17.17 -5.88
CA ALA A 109 -16.83 16.09 -5.40
C ALA A 109 -17.35 15.23 -6.54
N GLY A 110 -17.76 15.85 -7.66
CA GLY A 110 -18.24 15.08 -8.77
C GLY A 110 -17.17 14.21 -9.40
N ALA A 111 -15.93 14.71 -9.44
CA ALA A 111 -14.83 13.90 -9.92
C ALA A 111 -14.59 12.69 -9.03
N THR A 112 -14.64 12.90 -7.71
CA THR A 112 -14.54 11.78 -6.78
C THR A 112 -15.62 10.74 -7.05
N LEU A 113 -16.87 11.20 -7.24
CA LEU A 113 -17.96 10.27 -7.50
C LEU A 113 -17.81 9.56 -8.84
N GLN A 114 -17.29 10.26 -9.85
CA GLN A 114 -17.02 9.62 -11.13
C GLN A 114 -15.98 8.52 -10.98
N LEU A 115 -14.95 8.76 -10.15
CA LEU A 115 -13.95 7.73 -9.88
C LEU A 115 -14.58 6.53 -9.18
N VAL A 116 -15.42 6.79 -8.19
CA VAL A 116 -16.10 5.70 -7.48
C VAL A 116 -16.94 4.88 -8.45
N ASP A 117 -17.69 5.55 -9.33
CA ASP A 117 -18.51 4.84 -10.30
C ASP A 117 -17.65 4.03 -11.28
N SER A 118 -16.52 4.60 -11.71
CA SER A 118 -15.65 3.88 -12.63
C SER A 118 -15.10 2.62 -11.98
N VAL A 119 -14.67 2.71 -10.72
CA VAL A 119 -14.08 1.55 -10.05
C VAL A 119 -15.13 0.49 -9.75
N MET A 120 -16.27 0.91 -9.18
CA MET A 120 -17.27 -0.07 -8.76
C MET A 120 -17.97 -0.72 -9.95
N LYS A 121 -18.11 -0.01 -11.07
CA LYS A 121 -18.71 -0.59 -12.26
C LYS A 121 -17.75 -1.49 -13.04
N ARG A 122 -16.57 -1.78 -12.48
CA ARG A 122 -15.55 -2.61 -13.11
C ARG A 122 -15.11 -2.08 -14.47
N GLU A 123 -15.29 -0.78 -14.72
CA GLU A 123 -14.78 -0.18 -15.94
C GLU A 123 -13.28 0.01 -15.89
N VAL A 124 -12.73 0.19 -14.68
CA VAL A 124 -11.29 0.27 -14.45
C VAL A 124 -10.98 -0.47 -13.16
N ARG A 125 -9.71 -0.84 -13.00
CA ARG A 125 -9.28 -1.54 -11.78
C ARG A 125 -9.22 -0.57 -10.60
N ASN A 126 -8.56 0.57 -10.78
CA ASN A 126 -8.40 1.57 -9.73
C ASN A 126 -8.32 2.93 -10.40
N GLY A 127 -7.93 3.95 -9.65
CA GLY A 127 -7.78 5.26 -10.25
C GLY A 127 -7.47 6.33 -9.22
N MET A 128 -7.07 7.49 -9.75
CA MET A 128 -6.80 8.66 -8.93
C MET A 128 -7.55 9.86 -9.50
N ALA A 129 -7.96 10.76 -8.60
CA ALA A 129 -8.63 11.99 -8.96
C ALA A 129 -7.79 13.17 -8.49
N LEU A 130 -7.27 13.96 -9.43
CA LEU A 130 -6.55 15.18 -9.13
C LEU A 130 -7.58 16.30 -8.97
N VAL A 131 -7.97 16.56 -7.74
CA VAL A 131 -9.07 17.47 -7.45
C VAL A 131 -8.54 18.65 -6.65
N ARG A 132 -9.38 19.67 -6.54
CA ARG A 132 -9.12 20.90 -5.80
C ARG A 132 -10.44 21.66 -5.73
N PRO A 133 -10.91 22.07 -4.54
CA PRO A 133 -10.27 22.01 -3.21
C PRO A 133 -10.19 20.61 -2.60
N PRO A 134 -9.33 20.42 -1.59
CA PRO A 134 -9.35 19.17 -0.82
C PRO A 134 -10.60 19.08 0.03
N GLY A 135 -10.77 17.96 0.74
CA GLY A 135 -12.03 17.77 1.45
C GLY A 135 -11.99 17.32 2.90
N HIS A 136 -10.89 16.68 3.33
CA HIS A 136 -10.97 15.88 4.55
C HIS A 136 -11.12 16.71 5.83
N HIS A 137 -10.99 18.03 5.77
CA HIS A 137 -11.21 18.86 6.95
C HIS A 137 -12.61 19.46 7.00
N SER A 138 -13.36 19.46 5.90
CA SER A 138 -14.68 20.06 5.91
C SER A 138 -15.66 19.18 6.69
N GLN A 139 -16.61 19.84 7.35
CA GLN A 139 -17.51 19.18 8.28
C GLN A 139 -18.95 19.50 7.87
N ARG A 140 -19.91 18.97 8.63
CA ARG A 140 -21.30 18.96 8.18
C ARG A 140 -21.80 20.35 7.86
N SER A 141 -21.40 21.36 8.64
CA SER A 141 -21.89 22.72 8.43
C SER A 141 -20.77 23.74 8.43
N ALA A 142 -19.56 23.35 8.03
CA ALA A 142 -18.45 24.29 8.08
C ALA A 142 -17.37 23.92 7.07
N ALA A 143 -16.89 24.92 6.34
CA ALA A 143 -15.61 24.81 5.65
C ALA A 143 -14.48 24.91 6.66
N ASN A 144 -13.37 24.24 6.36
CA ASN A 144 -12.27 24.19 7.32
C ASN A 144 -11.02 23.70 6.60
N GLY A 145 -9.89 24.34 6.90
CA GLY A 145 -8.59 23.91 6.41
C GLY A 145 -8.52 23.65 4.91
N PHE A 146 -8.76 24.70 4.12
CA PHE A 146 -8.72 24.68 2.65
C PHE A 146 -9.82 23.82 2.03
N CYS A 147 -10.75 23.29 2.84
CA CYS A 147 -11.73 22.33 2.37
C CYS A 147 -13.12 22.91 2.44
N VAL A 148 -13.89 22.75 1.35
CA VAL A 148 -15.25 23.25 1.25
C VAL A 148 -16.23 22.10 1.49
N PHE A 149 -16.11 21.04 0.69
CA PHE A 149 -16.92 19.84 0.82
C PHE A 149 -16.01 18.64 1.01
N ASN A 150 -16.51 17.60 1.68
CA ASN A 150 -15.70 16.44 2.04
C ASN A 150 -15.81 15.39 0.94
N ASN A 151 -14.85 15.42 0.02
CA ASN A 151 -14.90 14.55 -1.16
C ASN A 151 -14.90 13.07 -0.77
N VAL A 152 -14.04 12.69 0.17
CA VAL A 152 -13.88 11.27 0.50
C VAL A 152 -15.10 10.77 1.27
N ALA A 153 -15.65 11.59 2.16
CA ALA A 153 -16.89 11.22 2.83
C ALA A 153 -18.03 11.06 1.82
N PHE A 154 -18.09 11.96 0.84
CA PHE A 154 -19.00 11.80 -0.29
C PHE A 154 -18.83 10.43 -0.93
N ALA A 155 -17.58 10.07 -1.24
CA ALA A 155 -17.31 8.80 -1.91
C ALA A 155 -17.81 7.62 -1.08
N ALA A 156 -17.52 7.63 0.22
CA ALA A 156 -17.90 6.51 1.07
C ALA A 156 -19.42 6.38 1.17
N LEU A 157 -20.10 7.49 1.50
CA LEU A 157 -21.55 7.45 1.62
C LEU A 157 -22.20 7.08 0.30
N TYR A 158 -21.64 7.57 -0.82
CA TYR A 158 -22.16 7.28 -2.14
C TYR A 158 -22.02 5.81 -2.50
N ALA A 159 -20.86 5.23 -2.20
CA ALA A 159 -20.68 3.80 -2.42
C ALA A 159 -21.65 2.99 -1.59
N LYS A 160 -21.81 3.35 -0.31
CA LYS A 160 -22.79 2.66 0.53
C LYS A 160 -24.18 2.73 -0.07
N LYS A 161 -24.60 3.93 -0.50
CA LYS A 161 -25.98 4.10 -0.94
C LYS A 161 -26.24 3.40 -2.27
N ASN A 162 -25.33 3.55 -3.23
CA ASN A 162 -25.58 3.10 -4.60
C ASN A 162 -25.00 1.74 -4.92
N TYR A 163 -24.28 1.11 -3.99
CA TYR A 163 -23.73 -0.22 -4.25
C TYR A 163 -23.92 -1.17 -3.08
N ASN A 164 -24.58 -0.75 -2.01
CA ASN A 164 -24.91 -1.61 -0.88
C ASN A 164 -23.66 -2.23 -0.27
N LEU A 165 -22.58 -1.45 -0.22
CA LEU A 165 -21.36 -1.89 0.42
C LEU A 165 -21.51 -1.84 1.94
N ASN A 166 -21.00 -2.87 2.60
CA ASN A 166 -21.07 -2.98 4.06
C ASN A 166 -19.76 -2.67 4.74
N ARG A 167 -18.64 -2.65 4.01
CA ARG A 167 -17.33 -2.42 4.61
C ARG A 167 -16.49 -1.60 3.63
N ILE A 168 -16.10 -0.40 4.06
CA ILE A 168 -15.24 0.49 3.28
C ILE A 168 -14.08 0.91 4.18
N LEU A 169 -12.89 1.02 3.60
CA LEU A 169 -11.70 1.47 4.32
C LEU A 169 -11.23 2.79 3.74
N ILE A 170 -11.11 3.80 4.58
CA ILE A 170 -10.53 5.09 4.21
C ILE A 170 -9.16 5.20 4.86
N VAL A 171 -8.14 5.45 4.06
CA VAL A 171 -6.77 5.65 4.53
C VAL A 171 -6.39 7.09 4.24
N ASP A 172 -6.17 7.88 5.28
CA ASP A 172 -5.85 9.30 5.15
C ASP A 172 -4.39 9.48 5.53
N TRP A 173 -3.51 9.44 4.52
CA TRP A 173 -2.09 9.62 4.76
C TRP A 173 -1.63 11.07 4.54
N ASP A 174 -2.58 12.01 4.49
CA ASP A 174 -2.24 13.41 4.61
C ASP A 174 -1.62 13.67 5.98
N VAL A 175 -0.77 14.71 6.05
CA VAL A 175 -0.07 14.99 7.30
C VAL A 175 -0.97 15.63 8.33
N HIS A 176 -2.13 16.14 7.92
CA HIS A 176 -3.10 16.71 8.85
C HIS A 176 -4.19 15.70 9.15
N HIS A 177 -4.84 15.87 10.29
CA HIS A 177 -5.89 14.95 10.72
C HIS A 177 -7.20 15.33 10.04
N GLY A 178 -7.70 14.44 9.19
CA GLY A 178 -8.98 14.66 8.54
C GLY A 178 -10.14 14.52 9.50
N GLN A 179 -10.33 15.52 10.37
CA GLN A 179 -11.34 15.43 11.40
C GLN A 179 -12.75 15.42 10.84
N GLY A 180 -12.95 15.94 9.61
CA GLY A 180 -14.27 15.89 9.01
C GLY A 180 -14.73 14.48 8.73
N ILE A 181 -13.83 13.64 8.21
CA ILE A 181 -14.18 12.25 7.93
C ILE A 181 -14.46 11.51 9.23
N GLN A 182 -13.60 11.70 10.23
CA GLN A 182 -13.80 11.08 11.53
C GLN A 182 -15.16 11.45 12.10
N TYR A 183 -15.49 12.75 12.12
CA TYR A 183 -16.80 13.19 12.57
C TYR A 183 -17.91 12.50 11.78
N CYS A 184 -17.72 12.38 10.45
CA CYS A 184 -18.78 11.83 9.61
C CYS A 184 -19.03 10.36 9.92
N PHE A 185 -18.00 9.60 10.26
CA PHE A 185 -18.15 8.15 10.39
C PHE A 185 -17.76 7.62 11.78
N GLU A 186 -17.77 8.46 12.81
CA GLU A 186 -17.27 7.99 14.11
C GLU A 186 -18.18 6.93 14.72
N GLU A 187 -19.49 7.03 14.51
CA GLU A 187 -20.42 6.03 15.01
C GLU A 187 -20.74 4.96 13.96
N ASP A 188 -20.04 4.97 12.83
CA ASP A 188 -20.35 4.07 11.73
C ASP A 188 -19.31 2.97 11.67
N PRO A 189 -19.68 1.72 11.96
CA PRO A 189 -18.72 0.60 11.83
C PRO A 189 -18.56 0.08 10.41
N SER A 190 -19.33 0.60 9.44
CA SER A 190 -19.19 0.15 8.06
C SER A 190 -18.09 0.88 7.31
N VAL A 191 -17.64 2.03 7.82
CA VAL A 191 -16.58 2.81 7.22
C VAL A 191 -15.46 2.94 8.26
N LEU A 192 -14.33 2.30 7.99
CA LEU A 192 -13.19 2.31 8.89
C LEU A 192 -12.23 3.41 8.45
N TYR A 193 -12.03 4.41 9.32
CA TYR A 193 -11.19 5.55 9.03
C TYR A 193 -9.86 5.43 9.75
N PHE A 194 -8.76 5.36 9.00
CA PHE A 194 -7.43 5.41 9.54
C PHE A 194 -6.76 6.71 9.15
N SER A 195 -6.01 7.30 10.08
CA SER A 195 -5.34 8.57 9.82
C SER A 195 -4.08 8.65 10.66
N TRP A 196 -2.93 8.84 10.02
CA TRP A 196 -1.75 9.30 10.74
C TRP A 196 -1.61 10.79 10.49
N HIS A 197 -1.06 11.50 11.48
CA HIS A 197 -1.04 12.95 11.31
C HIS A 197 -0.08 13.59 12.30
N ARG A 198 0.56 14.67 11.86
CA ARG A 198 1.37 15.48 12.75
C ARG A 198 0.50 16.03 13.88
N TYR A 199 0.94 15.83 15.12
CA TYR A 199 0.14 16.16 16.28
C TYR A 199 0.93 17.00 17.28
N GLU A 200 2.14 16.54 17.60
CA GLU A 200 3.02 17.23 18.54
C GLU A 200 2.30 17.52 19.86
N HIS A 201 1.64 16.49 20.40
CA HIS A 201 0.93 16.57 21.69
C HIS A 201 -0.11 17.69 21.67
N GLN A 202 -0.91 17.72 20.60
CA GLN A 202 -2.04 18.62 20.37
C GLN A 202 -1.61 20.03 20.01
N SER A 203 -0.31 20.32 19.88
CA SER A 203 0.10 21.69 19.59
C SER A 203 0.05 22.02 18.09
N PHE A 204 -0.19 21.04 17.24
CA PHE A 204 -0.24 21.27 15.80
C PHE A 204 -1.69 21.32 15.32
N TRP A 205 -1.92 22.13 14.29
CA TRP A 205 -3.26 22.33 13.76
C TRP A 205 -3.84 21.00 13.27
N PRO A 206 -5.14 20.73 13.51
CA PRO A 206 -6.15 21.61 14.12
C PRO A 206 -6.26 21.59 15.65
N ASN A 207 -5.26 21.09 16.38
CA ASN A 207 -5.21 21.22 17.85
C ASN A 207 -6.43 20.60 18.52
N LEU A 208 -6.75 19.37 18.13
CA LEU A 208 -7.94 18.72 18.67
C LEU A 208 -7.54 17.58 19.61
N PRO A 209 -8.13 17.51 20.81
CA PRO A 209 -7.87 16.34 21.66
C PRO A 209 -8.37 15.04 21.06
N GLU A 210 -9.46 15.09 20.29
CA GLU A 210 -10.02 13.89 19.66
C GLU A 210 -9.24 13.47 18.42
N SER A 211 -8.15 14.16 18.08
CA SER A 211 -7.23 13.66 17.07
C SER A 211 -6.25 12.64 17.64
N ASP A 212 -6.29 12.43 18.95
CA ASP A 212 -5.34 11.58 19.65
C ASP A 212 -5.67 10.10 19.45
N TYR A 213 -4.73 9.24 19.87
CA TYR A 213 -4.91 7.80 19.70
C TYR A 213 -6.06 7.24 20.52
N SER A 214 -6.53 7.97 21.53
CA SER A 214 -7.60 7.47 22.38
C SER A 214 -8.98 7.62 21.76
N SER A 215 -9.10 8.32 20.63
CA SER A 215 -10.37 8.41 19.91
C SER A 215 -10.49 7.19 19.02
N VAL A 216 -11.26 6.20 19.47
CA VAL A 216 -11.44 4.94 18.76
C VAL A 216 -12.79 4.87 18.06
N GLY A 217 -13.53 5.97 18.04
CA GLY A 217 -14.91 5.93 17.62
C GLY A 217 -15.86 5.78 18.79
N LYS A 218 -17.12 6.16 18.58
CA LYS A 218 -18.12 6.16 19.62
C LYS A 218 -19.31 5.29 19.22
N GLY A 219 -19.94 4.71 20.23
CA GLY A 219 -21.14 3.93 19.99
C GLY A 219 -20.85 2.63 19.27
N LYS A 220 -21.69 2.31 18.28
CA LYS A 220 -21.54 1.08 17.51
C LYS A 220 -20.29 1.06 16.64
N GLY A 221 -19.63 2.21 16.45
CA GLY A 221 -18.44 2.27 15.62
C GLY A 221 -17.15 2.28 16.41
N SER A 222 -17.21 1.83 17.67
CA SER A 222 -16.00 1.79 18.49
C SER A 222 -15.01 0.78 17.94
N GLY A 223 -13.78 1.24 17.70
CA GLY A 223 -12.76 0.41 17.10
C GLY A 223 -12.62 0.57 15.60
N PHE A 224 -13.43 1.43 14.98
CA PHE A 224 -13.37 1.67 13.54
C PHE A 224 -12.87 3.07 13.21
N ASN A 225 -12.30 3.78 14.19
CA ASN A 225 -11.62 5.04 13.96
C ASN A 225 -10.24 4.94 14.60
N ILE A 226 -9.19 5.00 13.78
CA ILE A 226 -7.82 4.82 14.24
C ILE A 226 -7.04 6.09 13.93
N ASN A 227 -6.53 6.72 14.99
CA ASN A 227 -5.67 7.90 14.88
C ASN A 227 -4.26 7.52 15.33
N LEU A 228 -3.28 7.89 14.51
CA LEU A 228 -1.87 7.70 14.83
C LEU A 228 -1.21 9.08 14.88
N PRO A 229 -0.97 9.62 16.06
CA PRO A 229 -0.38 10.95 16.15
C PRO A 229 1.14 10.91 16.13
N TRP A 230 1.75 11.54 15.12
CA TRP A 230 3.17 11.82 15.18
C TRP A 230 3.40 12.98 16.15
N ASN A 231 4.14 12.72 17.22
CA ASN A 231 4.41 13.74 18.22
C ASN A 231 5.76 14.41 18.00
N LYS A 232 6.47 14.08 16.92
CA LYS A 232 7.69 14.72 16.52
C LYS A 232 7.72 14.84 15.00
N VAL A 233 8.37 15.90 14.50
CA VAL A 233 8.54 16.05 13.07
C VAL A 233 9.71 15.20 12.62
N GLY A 234 9.91 15.08 11.32
CA GLY A 234 11.04 14.34 10.78
C GLY A 234 10.81 12.87 10.56
N MET A 235 9.56 12.40 10.63
CA MET A 235 9.28 10.98 10.45
C MET A 235 9.76 10.50 9.09
N THR A 236 10.45 9.36 9.08
CA THR A 236 11.12 8.85 7.89
C THR A 236 10.30 7.73 7.26
N ASN A 237 10.87 7.11 6.23
CA ASN A 237 10.21 5.97 5.58
C ASN A 237 9.99 4.83 6.57
N SER A 238 10.92 4.64 7.50
CA SER A 238 10.81 3.55 8.47
C SER A 238 9.60 3.74 9.37
N ASP A 239 9.35 4.99 9.81
CA ASP A 239 8.18 5.25 10.64
C ASP A 239 6.88 4.94 9.89
N TYR A 240 6.80 5.39 8.64
CA TYR A 240 5.59 5.16 7.85
C TYR A 240 5.36 3.67 7.62
N LEU A 241 6.41 2.95 7.24
CA LEU A 241 6.27 1.52 6.98
C LEU A 241 5.95 0.75 8.25
N ALA A 242 6.51 1.16 9.39
CA ALA A 242 6.17 0.50 10.66
C ALA A 242 4.72 0.76 11.02
N ALA A 243 4.23 1.98 10.79
CA ALA A 243 2.83 2.27 11.01
C ALA A 243 1.94 1.38 10.15
N PHE A 244 2.34 1.16 8.89
CA PHE A 244 1.55 0.29 8.02
C PHE A 244 1.60 -1.16 8.50
N PHE A 245 2.80 -1.67 8.77
CA PHE A 245 2.97 -3.09 9.09
C PHE A 245 2.32 -3.45 10.43
N HIS A 246 2.41 -2.55 11.43
CA HIS A 246 2.02 -2.90 12.79
C HIS A 246 0.73 -2.24 13.24
N VAL A 247 0.09 -1.42 12.41
CA VAL A 247 -1.18 -0.82 12.78
C VAL A 247 -2.20 -0.99 11.66
N LEU A 248 -1.96 -0.33 10.52
CA LEU A 248 -3.01 -0.23 9.50
C LEU A 248 -3.29 -1.57 8.83
N LEU A 249 -2.25 -2.25 8.36
CA LEU A 249 -2.45 -3.41 7.48
C LEU A 249 -3.09 -4.61 8.18
N PRO A 250 -2.69 -4.98 9.41
CA PRO A 250 -3.40 -6.09 10.06
C PRO A 250 -4.88 -5.79 10.30
N VAL A 251 -5.19 -4.58 10.77
CA VAL A 251 -6.59 -4.18 10.93
C VAL A 251 -7.32 -4.21 9.60
N ALA A 252 -6.65 -3.79 8.52
CA ALA A 252 -7.29 -3.73 7.21
C ALA A 252 -7.61 -5.12 6.69
N TYR A 253 -6.65 -6.05 6.79
CA TYR A 253 -6.89 -7.40 6.29
C TYR A 253 -7.88 -8.15 7.16
N GLU A 254 -7.92 -7.87 8.47
CA GLU A 254 -8.97 -8.46 9.30
C GLU A 254 -10.33 -7.85 8.95
N PHE A 255 -10.36 -6.57 8.59
CA PHE A 255 -11.60 -5.89 8.24
C PHE A 255 -12.14 -6.36 6.89
N ASP A 256 -11.25 -6.68 5.95
CA ASP A 256 -11.57 -7.12 4.60
C ASP A 256 -12.52 -6.13 3.93
N PRO A 257 -12.05 -4.94 3.56
CA PRO A 257 -12.95 -3.93 3.00
C PRO A 257 -13.39 -4.30 1.59
N GLU A 258 -14.58 -3.85 1.23
CA GLU A 258 -15.10 -4.01 -0.11
C GLU A 258 -14.71 -2.86 -1.04
N LEU A 259 -14.12 -1.80 -0.49
CA LEU A 259 -13.68 -0.66 -1.28
C LEU A 259 -12.70 0.14 -0.43
N VAL A 260 -11.59 0.55 -1.04
CA VAL A 260 -10.56 1.34 -0.39
C VAL A 260 -10.53 2.72 -1.02
N ILE A 261 -10.63 3.75 -0.18
CA ILE A 261 -10.56 5.15 -0.60
C ILE A 261 -9.41 5.79 0.15
N VAL A 262 -8.58 6.55 -0.57
CA VAL A 262 -7.37 7.13 -0.02
C VAL A 262 -7.47 8.64 -0.07
N SER A 263 -7.40 9.28 1.10
CA SER A 263 -7.15 10.71 1.18
C SER A 263 -5.65 10.89 0.96
N ALA A 264 -5.26 10.96 -0.31
CA ALA A 264 -3.85 11.07 -0.68
C ALA A 264 -3.41 12.52 -0.53
N GLY A 265 -2.94 12.86 0.67
CA GLY A 265 -2.32 14.13 0.93
C GLY A 265 -0.83 13.95 1.01
N PHE A 266 -0.11 14.64 0.12
CA PHE A 266 1.33 14.48 0.01
C PHE A 266 2.10 15.58 0.73
N ASP A 267 1.43 16.32 1.62
CA ASP A 267 2.15 17.19 2.55
C ASP A 267 2.83 16.40 3.66
N SER A 268 2.76 15.07 3.61
CA SER A 268 3.50 14.20 4.52
C SER A 268 4.83 13.74 3.94
N ALA A 269 5.26 14.33 2.83
CA ALA A 269 6.50 13.95 2.16
C ALA A 269 7.59 14.97 2.45
N ILE A 270 8.84 14.56 2.20
CA ILE A 270 9.98 15.43 2.47
C ILE A 270 9.88 16.69 1.61
N GLY A 271 10.23 17.82 2.21
CA GLY A 271 10.24 19.10 1.54
C GLY A 271 9.00 19.95 1.77
N ASP A 272 7.90 19.36 2.24
CA ASP A 272 6.67 20.12 2.39
C ASP A 272 6.79 21.06 3.59
N PRO A 273 6.39 22.33 3.44
CA PRO A 273 6.55 23.29 4.55
C PRO A 273 5.56 23.10 5.68
N GLU A 274 4.50 22.33 5.47
CA GLU A 274 3.47 22.15 6.48
C GLU A 274 3.70 20.92 7.35
N GLY A 275 4.14 19.81 6.75
CA GLY A 275 4.34 18.58 7.48
C GLY A 275 5.70 18.46 8.11
N GLU A 276 6.74 18.83 7.36
CA GLU A 276 8.13 18.79 7.84
C GLU A 276 8.56 17.36 8.19
N MET A 277 8.07 16.39 7.43
CA MET A 277 8.52 15.02 7.55
C MET A 277 9.64 14.73 6.55
N CYS A 278 10.26 13.56 6.68
CA CYS A 278 11.42 13.21 5.87
C CYS A 278 11.17 11.98 5.00
N ALA A 279 9.92 11.69 4.67
CA ALA A 279 9.61 10.54 3.83
C ALA A 279 9.81 10.88 2.36
N LEU A 280 10.55 10.03 1.66
CA LEU A 280 10.78 10.22 0.25
C LEU A 280 9.52 9.92 -0.55
N PRO A 281 9.35 10.54 -1.72
CA PRO A 281 8.14 10.27 -2.52
C PRO A 281 7.94 8.80 -2.84
N GLU A 282 9.02 8.04 -3.03
CA GLU A 282 8.89 6.63 -3.38
C GLU A 282 8.10 5.83 -2.35
N ILE A 283 8.06 6.28 -1.09
CA ILE A 283 7.30 5.58 -0.07
C ILE A 283 5.83 5.47 -0.48
N PHE A 284 5.32 6.45 -1.22
CA PHE A 284 3.92 6.42 -1.64
C PHE A 284 3.68 5.37 -2.71
N ALA A 285 4.73 4.97 -3.44
CA ALA A 285 4.59 3.79 -4.30
C ALA A 285 4.30 2.55 -3.48
N HIS A 286 4.86 2.46 -2.27
CA HIS A 286 4.66 1.27 -1.45
C HIS A 286 3.38 1.35 -0.62
N LEU A 287 3.10 2.52 -0.02
CA LEU A 287 1.82 2.70 0.66
C LEU A 287 0.67 2.34 -0.27
N THR A 288 0.76 2.74 -1.53
CA THR A 288 -0.22 2.29 -2.52
C THR A 288 -0.14 0.78 -2.71
N HIS A 289 1.05 0.27 -3.01
CA HIS A 289 1.20 -1.13 -3.37
C HIS A 289 0.75 -2.05 -2.25
N LEU A 290 1.05 -1.69 -1.00
CA LEU A 290 0.68 -2.52 0.14
C LEU A 290 -0.84 -2.62 0.32
N LEU A 291 -1.62 -1.69 -0.25
CA LEU A 291 -3.06 -1.71 -0.12
C LEU A 291 -3.76 -2.38 -1.28
N MET A 292 -3.06 -2.62 -2.39
CA MET A 292 -3.69 -3.17 -3.59
C MET A 292 -4.42 -4.49 -3.35
N PRO A 293 -3.88 -5.47 -2.60
CA PRO A 293 -4.63 -6.72 -2.38
C PRO A 293 -5.97 -6.52 -1.67
N LEU A 294 -6.25 -5.34 -1.11
CA LEU A 294 -7.52 -5.11 -0.44
C LEU A 294 -8.61 -4.80 -1.45
N ALA A 295 -9.83 -5.24 -1.13
CA ALA A 295 -11.02 -4.95 -1.94
C ALA A 295 -10.85 -5.39 -3.39
N ALA A 296 -10.08 -6.46 -3.60
CA ALA A 296 -9.79 -7.01 -4.92
C ALA A 296 -9.17 -5.96 -5.83
N GLY A 297 -8.37 -5.06 -5.26
CA GLY A 297 -7.71 -4.01 -6.02
C GLY A 297 -8.53 -2.75 -6.22
N LYS A 298 -9.80 -2.75 -5.84
CA LYS A 298 -10.66 -1.60 -6.06
C LYS A 298 -10.27 -0.45 -5.13
N MET A 299 -9.40 0.44 -5.63
CA MET A 299 -8.82 1.52 -4.84
C MET A 299 -9.13 2.85 -5.50
N CYS A 300 -9.59 3.81 -4.70
CA CYS A 300 -9.93 5.16 -5.17
C CYS A 300 -9.02 6.16 -4.46
N VAL A 301 -8.09 6.75 -5.21
CA VAL A 301 -7.11 7.69 -4.66
C VAL A 301 -7.58 9.10 -4.96
N VAL A 302 -7.78 9.90 -3.93
CA VAL A 302 -8.25 11.28 -4.07
C VAL A 302 -7.23 12.22 -3.47
N LEU A 303 -6.92 13.29 -4.20
CA LEU A 303 -5.92 14.24 -3.75
C LEU A 303 -6.42 15.08 -2.59
N GLU A 304 -5.54 15.34 -1.62
CA GLU A 304 -5.85 16.24 -0.53
C GLU A 304 -4.80 17.35 -0.48
N GLY A 305 -3.86 17.26 0.45
CA GLY A 305 -2.84 18.27 0.63
C GLY A 305 -1.61 18.00 -0.22
N GLY A 306 -0.52 18.71 0.11
CA GLY A 306 0.71 18.63 -0.64
C GLY A 306 1.05 19.96 -1.28
N TYR A 307 2.11 20.62 -0.82
CA TYR A 307 2.34 22.02 -1.16
C TYR A 307 3.74 22.34 -1.65
N ASN A 308 4.70 21.42 -1.55
CA ASN A 308 5.99 21.58 -2.20
C ASN A 308 5.85 21.04 -3.62
N LEU A 309 5.75 21.95 -4.59
CA LEU A 309 5.38 21.58 -5.96
C LEU A 309 6.24 20.44 -6.50
N THR A 310 7.54 20.48 -6.23
CA THR A 310 8.45 19.45 -6.74
C THR A 310 8.13 18.08 -6.13
N SER A 311 8.23 17.98 -4.81
CA SER A 311 7.95 16.71 -4.15
C SER A 311 6.51 16.27 -4.37
N LEU A 312 5.60 17.22 -4.57
CA LEU A 312 4.21 16.88 -4.87
C LEU A 312 4.10 16.15 -6.20
N GLY A 313 4.70 16.72 -7.25
CA GLY A 313 4.71 16.04 -8.53
C GLY A 313 5.34 14.65 -8.44
N GLN A 314 6.46 14.56 -7.71
CA GLN A 314 7.15 13.28 -7.62
C GLN A 314 6.29 12.23 -6.90
N SER A 315 5.64 12.62 -5.80
CA SER A 315 4.81 11.67 -5.06
C SER A 315 3.58 11.26 -5.85
N VAL A 316 2.98 12.20 -6.58
CA VAL A 316 1.85 11.86 -7.45
C VAL A 316 2.28 10.85 -8.51
N CYS A 317 3.47 11.05 -9.09
CA CYS A 317 3.97 10.09 -10.07
C CYS A 317 4.20 8.73 -9.45
N GLN A 318 4.73 8.68 -8.22
CA GLN A 318 4.95 7.41 -7.56
C GLN A 318 3.62 6.66 -7.34
N THR A 319 2.61 7.39 -6.87
CA THR A 319 1.30 6.77 -6.63
C THR A 319 0.71 6.23 -7.93
N VAL A 320 0.75 7.02 -9.00
CA VAL A 320 0.17 6.55 -10.26
C VAL A 320 0.96 5.38 -10.82
N HIS A 321 2.29 5.44 -10.71
CA HIS A 321 3.14 4.32 -11.08
C HIS A 321 2.66 3.02 -10.44
N SER A 322 2.46 3.06 -9.11
CA SER A 322 2.00 1.86 -8.42
C SER A 322 0.59 1.46 -8.87
N LEU A 323 -0.28 2.44 -9.10
CA LEU A 323 -1.64 2.13 -9.54
C LEU A 323 -1.66 1.41 -10.89
N LEU A 324 -0.72 1.74 -11.78
CA LEU A 324 -0.63 1.07 -13.06
C LEU A 324 0.07 -0.28 -12.98
N GLY A 325 0.68 -0.62 -11.84
CA GLY A 325 1.36 -1.87 -11.68
C GLY A 325 2.83 -1.87 -12.06
N ASP A 326 3.43 -0.70 -12.26
CA ASP A 326 4.84 -0.65 -12.59
C ASP A 326 5.68 -1.06 -11.38
N PRO A 327 6.86 -1.63 -11.62
CA PRO A 327 7.67 -2.14 -10.50
C PRO A 327 7.98 -1.06 -9.46
N THR A 328 7.69 -1.38 -8.20
CA THR A 328 7.95 -0.44 -7.11
C THR A 328 9.45 -0.31 -6.89
N PRO A 329 9.94 0.89 -6.58
CA PRO A 329 11.38 1.08 -6.40
C PRO A 329 11.85 0.60 -5.04
N ARG A 330 13.05 0.03 -5.01
CA ARG A 330 13.62 -0.48 -3.77
C ARG A 330 13.87 0.65 -2.78
N ILE A 331 13.55 0.41 -1.52
CA ILE A 331 13.76 1.38 -0.45
C ILE A 331 14.88 0.87 0.44
N SER A 332 15.96 1.63 0.52
CA SER A 332 17.12 1.26 1.32
C SER A 332 17.23 2.17 2.54
N GLY A 333 18.13 1.80 3.46
CA GLY A 333 18.31 2.56 4.67
C GLY A 333 17.21 2.40 5.69
N LEU A 334 16.25 1.52 5.47
CA LEU A 334 15.17 1.32 6.41
C LEU A 334 15.67 0.64 7.68
N GLY A 335 15.10 1.03 8.80
CA GLY A 335 15.49 0.48 10.08
C GLY A 335 14.36 0.65 11.08
N THR A 336 14.75 0.79 12.35
CA THR A 336 13.76 0.96 13.40
C THR A 336 13.07 2.32 13.31
N ALA A 337 11.80 2.35 13.69
CA ALA A 337 11.12 3.62 13.88
C ALA A 337 11.77 4.36 15.05
N CYS A 338 11.61 5.69 15.04
CA CYS A 338 12.10 6.48 16.15
C CYS A 338 11.27 6.23 17.41
N ASP A 339 11.81 6.64 18.56
CA ASP A 339 11.17 6.34 19.83
C ASP A 339 9.77 6.95 19.91
N SER A 340 9.60 8.17 19.42
CA SER A 340 8.28 8.81 19.48
C SER A 340 7.26 8.05 18.64
N ALA A 341 7.67 7.61 17.44
CA ALA A 341 6.78 6.83 16.60
C ALA A 341 6.44 5.49 17.26
N LEU A 342 7.42 4.87 17.91
CA LEU A 342 7.16 3.60 18.60
C LEU A 342 6.22 3.79 19.77
N GLU A 343 6.32 4.93 20.47
CA GLU A 343 5.37 5.24 21.54
C GLU A 343 3.96 5.40 20.98
N SER A 344 3.82 6.18 19.90
CA SER A 344 2.51 6.35 19.29
C SER A 344 1.93 5.01 18.84
N ILE A 345 2.77 4.16 18.25
CA ILE A 345 2.32 2.88 17.74
C ILE A 345 1.88 1.96 18.87
N GLN A 346 2.70 1.86 19.93
CA GLN A 346 2.34 1.00 21.04
C GLN A 346 1.07 1.49 21.73
N ASN A 347 0.89 2.82 21.84
CA ASN A 347 -0.31 3.35 22.47
C ASN A 347 -1.55 3.02 21.66
N VAL A 348 -1.50 3.27 20.35
CA VAL A 348 -2.68 3.02 19.52
C VAL A 348 -2.98 1.52 19.47
N ARG A 349 -1.94 0.68 19.43
CA ARG A 349 -2.16 -0.76 19.46
C ARG A 349 -2.84 -1.20 20.75
N ASN A 350 -2.34 -0.72 21.89
CA ASN A 350 -2.92 -1.11 23.17
C ASN A 350 -4.38 -0.68 23.26
N VAL A 351 -4.68 0.57 22.88
CA VAL A 351 -6.05 1.03 23.03
C VAL A 351 -6.98 0.32 22.05
N GLN A 352 -6.50 -0.02 20.85
CA GLN A 352 -7.34 -0.72 19.89
C GLN A 352 -7.41 -2.22 20.15
N SER A 353 -6.60 -2.75 21.07
CA SER A 353 -6.54 -4.19 21.26
C SER A 353 -7.86 -4.77 21.74
N SER A 354 -8.68 -3.97 22.43
CA SER A 354 -9.99 -4.45 22.86
C SER A 354 -10.98 -4.60 21.71
N TYR A 355 -10.60 -4.20 20.49
CA TYR A 355 -11.43 -4.36 19.31
C TYR A 355 -10.78 -5.22 18.24
N TRP A 356 -9.44 -5.24 18.16
CA TRP A 356 -8.70 -6.09 17.24
C TRP A 356 -7.75 -6.94 18.08
N SER A 357 -8.12 -8.19 18.32
CA SER A 357 -7.38 -9.06 19.23
C SER A 357 -5.94 -9.29 18.78
N SER A 358 -5.59 -8.97 17.54
CA SER A 358 -4.21 -9.12 17.08
C SER A 358 -3.24 -8.20 17.81
N PHE A 359 -3.74 -7.20 18.54
CA PHE A 359 -2.89 -6.22 19.21
C PHE A 359 -2.68 -6.52 20.69
N LYS A 360 -3.37 -7.49 21.25
CA LYS A 360 -3.23 -7.80 22.67
C LYS A 360 -1.80 -8.26 22.98
N HIS A 361 -1.33 -7.94 24.18
CA HIS A 361 -0.03 -8.37 24.67
C HIS A 361 -0.20 -8.96 26.06
N LEU A 362 0.91 -9.44 26.63
CA LEU A 362 0.94 -9.97 27.98
C LEU A 362 2.08 -9.32 28.74
N ALA A 363 1.96 -9.33 30.07
CA ALA A 363 2.97 -8.74 30.94
C ALA A 363 4.14 -9.69 31.14
N VAL A 413 7.33 -7.76 -21.90
CA VAL A 413 6.62 -8.86 -21.25
C VAL A 413 7.01 -8.93 -19.78
N ARG A 414 6.01 -8.96 -18.90
CA ARG A 414 6.25 -8.88 -17.46
C ARG A 414 6.74 -10.20 -16.89
N THR A 415 5.95 -11.27 -17.04
CA THR A 415 6.23 -12.56 -16.46
C THR A 415 6.50 -13.59 -17.55
N VAL A 416 7.37 -14.56 -17.26
CA VAL A 416 7.57 -15.70 -18.13
C VAL A 416 7.24 -16.97 -17.36
N VAL A 417 6.83 -18.00 -18.09
CA VAL A 417 6.33 -19.24 -17.50
C VAL A 417 7.05 -20.41 -18.17
N VAL A 418 7.60 -21.30 -17.35
CA VAL A 418 8.20 -22.54 -17.84
C VAL A 418 7.42 -23.71 -17.27
N PRO A 419 6.34 -24.14 -17.92
CA PRO A 419 5.57 -25.28 -17.43
C PRO A 419 6.28 -26.59 -17.72
N PRO A 420 5.78 -27.71 -17.24
CA PRO A 420 6.37 -29.00 -17.59
C PRO A 420 6.36 -29.19 -19.10
N PRO A 421 7.33 -29.93 -19.63
CA PRO A 421 7.42 -30.09 -21.09
C PRO A 421 6.16 -30.74 -21.65
N GLY A 422 5.61 -30.13 -22.69
CA GLY A 422 4.38 -30.57 -23.31
C GLY A 422 3.13 -29.92 -22.75
N VAL A 423 3.20 -29.34 -21.56
CA VAL A 423 2.03 -28.74 -20.93
C VAL A 423 1.77 -27.38 -21.56
N GLU A 424 0.71 -27.29 -22.35
CA GLU A 424 0.30 -26.04 -22.97
C GLU A 424 -0.75 -25.37 -22.09
N LEU A 425 -0.48 -24.15 -21.66
CA LEU A 425 -1.35 -23.41 -20.75
C LEU A 425 -1.83 -22.12 -21.40
N THR A 426 -2.97 -21.63 -20.91
CA THR A 426 -3.55 -20.38 -21.37
C THR A 426 -3.12 -19.28 -20.41
N LEU A 427 -2.05 -18.55 -20.77
CA LEU A 427 -1.43 -17.54 -19.93
C LEU A 427 -2.01 -16.15 -20.22
N PRO A 428 -2.07 -15.28 -19.22
CA PRO A 428 -2.57 -13.92 -19.43
C PRO A 428 -1.68 -13.14 -20.40
N LYS A 429 -2.20 -11.98 -20.83
CA LYS A 429 -1.57 -11.21 -21.89
C LYS A 429 -0.22 -10.60 -21.48
N ASN A 430 0.13 -10.62 -20.20
CA ASN A 430 1.39 -10.09 -19.72
CA ASN A 430 1.38 -10.09 -19.71
C ASN A 430 2.43 -11.17 -19.49
N CYS A 431 2.28 -12.34 -20.12
CA CYS A 431 3.16 -13.48 -19.89
C CYS A 431 3.65 -14.05 -21.21
N GLN A 432 4.66 -14.91 -21.10
CA GLN A 432 5.22 -15.62 -22.26
C GLN A 432 5.87 -16.90 -21.75
N HIS A 433 6.18 -17.79 -22.69
CA HIS A 433 6.85 -19.05 -22.34
C HIS A 433 8.36 -18.86 -22.27
N SER A 434 9.10 -19.96 -22.36
CA SER A 434 10.56 -19.93 -22.19
C SER A 434 11.24 -18.95 -23.15
N ILE A 437 16.50 -22.08 -24.13
CA ILE A 437 17.90 -22.26 -23.79
C ILE A 437 18.77 -21.95 -25.00
N SER A 438 19.96 -21.39 -24.75
CA SER A 438 20.89 -20.97 -25.79
C SER A 438 22.19 -21.76 -25.68
N GLU A 439 23.16 -21.38 -26.51
CA GLU A 439 24.46 -22.04 -26.47
C GLU A 439 25.22 -21.68 -25.20
N SER A 440 25.23 -20.40 -24.84
CA SER A 440 25.90 -19.98 -23.61
C SER A 440 25.24 -20.61 -22.40
N THR A 441 23.90 -20.63 -22.37
CA THR A 441 23.19 -21.23 -21.24
C THR A 441 23.50 -22.72 -21.12
N ALA A 442 23.49 -23.43 -22.25
CA ALA A 442 23.80 -24.86 -22.23
C ALA A 442 25.23 -25.11 -21.79
N LYS A 443 26.16 -24.25 -22.20
CA LYS A 443 27.55 -24.38 -21.77
C LYS A 443 27.66 -24.21 -20.25
N GLU A 444 26.97 -23.20 -19.71
CA GLU A 444 27.00 -23.00 -18.26
C GLU A 444 26.38 -24.17 -17.52
N VAL A 445 25.30 -24.74 -18.08
CA VAL A 445 24.65 -25.89 -17.45
C VAL A 445 25.59 -27.08 -17.45
N GLN A 446 26.27 -27.33 -18.57
CA GLN A 446 27.25 -28.42 -18.62
C GLN A 446 28.38 -28.18 -17.63
N ARG A 447 28.79 -26.92 -17.46
CA ARG A 447 29.84 -26.60 -16.51
C ARG A 447 29.42 -26.95 -15.09
N ILE A 448 28.24 -26.47 -14.67
CA ILE A 448 27.80 -26.76 -13.30
C ILE A 448 27.55 -28.25 -13.11
N ARG A 449 27.15 -28.96 -14.18
CA ARG A 449 26.94 -30.40 -14.08
C ARG A 449 28.26 -31.13 -13.85
N ASP A 450 29.23 -30.91 -14.73
CA ASP A 450 30.52 -31.56 -14.58
C ASP A 450 31.29 -31.08 -13.35
N LYS A 451 30.87 -29.97 -12.73
CA LYS A 451 31.58 -29.49 -11.56
C LYS A 451 30.94 -29.95 -10.24
N HIS A 452 29.61 -30.04 -10.18
CA HIS A 452 28.93 -30.22 -8.90
C HIS A 452 28.02 -31.44 -8.81
N PHE A 453 27.61 -32.02 -9.94
CA PHE A 453 26.71 -33.17 -9.90
C PHE A 453 27.10 -34.23 -10.93
N THR A 457 22.01 -37.30 -14.98
CA THR A 457 21.72 -37.33 -16.41
C THR A 457 20.23 -37.47 -16.67
N ASP A 458 19.45 -36.47 -16.24
CA ASP A 458 18.00 -36.53 -16.36
C ASP A 458 17.48 -35.89 -17.65
N GLN A 459 18.18 -34.88 -18.16
CA GLN A 459 17.79 -34.13 -19.36
C GLN A 459 16.58 -33.24 -19.10
N ASN A 460 15.62 -33.72 -18.30
CA ASN A 460 14.51 -32.87 -17.88
C ASN A 460 14.94 -31.90 -16.78
N ILE A 461 15.71 -32.40 -15.81
CA ILE A 461 16.29 -31.52 -14.79
C ILE A 461 17.27 -30.55 -15.43
N LEU A 462 18.04 -31.02 -16.41
CA LEU A 462 18.92 -30.12 -17.16
C LEU A 462 18.12 -29.04 -17.87
N ARG A 463 16.97 -29.42 -18.44
CA ARG A 463 16.12 -28.43 -19.10
C ARG A 463 15.60 -27.39 -18.11
N SER A 464 15.15 -27.85 -16.94
CA SER A 464 14.69 -26.91 -15.92
C SER A 464 15.80 -25.98 -15.47
N LEU A 465 17.03 -26.50 -15.35
CA LEU A 465 18.15 -25.65 -14.93
C LEU A 465 18.50 -24.62 -16.00
N GLY A 466 18.51 -25.04 -17.26
CA GLY A 466 18.75 -24.09 -18.34
C GLY A 466 17.68 -23.01 -18.39
N ASN A 467 16.42 -23.39 -18.16
CA ASN A 467 15.34 -22.41 -18.10
C ASN A 467 15.54 -21.45 -16.93
N ILE A 468 15.98 -21.97 -15.78
CA ILE A 468 16.22 -21.11 -14.63
C ILE A 468 17.32 -20.09 -14.94
N ILE A 469 18.41 -20.55 -15.55
CA ILE A 469 19.49 -19.65 -15.92
C ILE A 469 19.00 -18.59 -16.91
N SER A 470 18.19 -19.01 -17.89
CA SER A 470 17.72 -18.08 -18.91
C SER A 470 16.78 -17.02 -18.30
N VAL A 471 15.85 -17.45 -17.46
CA VAL A 471 14.90 -16.50 -16.88
C VAL A 471 15.64 -15.55 -15.92
N LEU A 472 16.65 -16.05 -15.21
CA LEU A 472 17.44 -15.16 -14.35
C LEU A 472 18.18 -14.12 -15.18
N ASP A 473 18.80 -14.55 -16.28
CA ASP A 473 19.49 -13.62 -17.17
C ASP A 473 18.53 -12.56 -17.70
N ARG A 474 17.30 -12.97 -18.04
CA ARG A 474 16.33 -12.02 -18.57
C ARG A 474 15.82 -11.06 -17.49
N MET A 475 15.70 -11.54 -16.25
CA MET A 475 15.16 -10.70 -15.18
C MET A 475 16.19 -9.67 -14.72
N MET A 476 17.43 -10.10 -14.49
CA MET A 476 18.40 -9.21 -13.86
C MET A 476 19.22 -8.41 -14.86
N ARG A 477 19.72 -9.06 -15.91
CA ARG A 477 20.56 -8.41 -16.91
C ARG A 477 19.75 -7.81 -18.06
N SER A 478 18.51 -7.40 -17.81
CA SER A 478 17.66 -6.82 -18.84
C SER A 478 16.42 -6.22 -18.20
N ASP A 479 15.88 -5.20 -18.85
CA ASP A 479 14.56 -4.66 -18.52
C ASP A 479 13.45 -5.38 -19.26
N GLU A 480 13.76 -6.48 -19.94
CA GLU A 480 12.76 -7.18 -20.74
C GLU A 480 11.75 -7.91 -19.86
N VAL A 481 12.25 -8.64 -18.86
CA VAL A 481 11.40 -9.46 -18.00
C VAL A 481 11.54 -8.98 -16.57
N CYS A 482 10.43 -9.08 -15.82
CA CYS A 482 10.40 -8.67 -14.42
C CYS A 482 10.51 -9.87 -13.47
N ASN A 483 9.61 -10.83 -13.60
CA ASN A 483 9.58 -11.98 -12.70
C ASN A 483 9.20 -13.23 -13.49
N GLY A 484 9.31 -14.39 -12.85
CA GLY A 484 9.06 -15.64 -13.54
C GLY A 484 8.78 -16.80 -12.60
N CYS A 485 8.31 -17.90 -13.20
CA CYS A 485 7.94 -19.10 -12.47
C CYS A 485 8.33 -20.33 -13.27
N VAL A 486 8.96 -21.30 -12.60
CA VAL A 486 9.46 -22.52 -13.24
C VAL A 486 9.04 -23.73 -12.41
N VAL A 487 8.47 -24.74 -13.07
CA VAL A 487 8.16 -26.01 -12.44
C VAL A 487 9.37 -26.92 -12.58
N VAL A 488 9.89 -27.41 -11.45
CA VAL A 488 11.12 -28.19 -11.42
C VAL A 488 10.84 -29.56 -10.82
N SER A 489 11.82 -30.45 -10.96
CA SER A 489 11.75 -31.80 -10.41
C SER A 489 12.56 -31.89 -9.13
N ASP A 490 13.89 -31.93 -9.25
CA ASP A 490 14.77 -32.02 -8.09
C ASP A 490 14.85 -30.64 -7.44
N LEU A 491 14.34 -30.53 -6.21
CA LEU A 491 14.38 -29.26 -5.51
C LEU A 491 15.81 -28.85 -5.16
N SER A 492 16.63 -29.82 -4.76
CA SER A 492 18.00 -29.52 -4.33
C SER A 492 18.78 -28.82 -5.43
N VAL A 493 18.91 -29.47 -6.58
CA VAL A 493 19.75 -28.95 -7.66
C VAL A 493 19.16 -27.66 -8.21
N SER A 494 17.83 -27.59 -8.34
CA SER A 494 17.20 -26.38 -8.86
C SER A 494 17.46 -25.19 -7.95
N VAL A 495 17.29 -25.38 -6.64
CA VAL A 495 17.50 -24.28 -5.70
C VAL A 495 18.97 -23.86 -5.69
N GLN A 496 19.89 -24.84 -5.69
CA GLN A 496 21.31 -24.49 -5.72
C GLN A 496 21.66 -23.67 -6.96
N CYS A 497 21.24 -24.15 -8.13
CA CYS A 497 21.52 -23.41 -9.36
C CYS A 497 20.91 -22.02 -9.32
N ALA A 498 19.65 -21.91 -8.89
CA ALA A 498 18.98 -20.61 -8.86
C ALA A 498 19.71 -19.62 -7.96
N LEU A 499 19.96 -20.01 -6.71
CA LEU A 499 20.59 -19.10 -5.76
C LEU A 499 22.00 -18.73 -6.19
N GLN A 500 22.79 -19.72 -6.60
CA GLN A 500 24.18 -19.44 -6.96
C GLN A 500 24.27 -18.58 -8.21
N HIS A 501 23.43 -18.84 -9.22
CA HIS A 501 23.48 -18.04 -10.43
C HIS A 501 22.93 -16.64 -10.20
N ALA A 502 21.95 -16.49 -9.30
CA ALA A 502 21.49 -15.17 -8.94
C ALA A 502 22.60 -14.37 -8.26
N LEU A 503 23.32 -14.99 -7.34
CA LEU A 503 24.46 -14.32 -6.71
C LEU A 503 25.54 -14.00 -7.74
N THR A 504 25.73 -14.87 -8.75
CA THR A 504 26.72 -14.61 -9.79
C THR A 504 26.31 -13.42 -10.64
N GLU A 505 25.03 -13.28 -10.93
CA GLU A 505 24.53 -12.05 -11.52
C GLU A 505 24.62 -10.91 -10.50
N PRO A 506 24.63 -9.66 -10.97
CA PRO A 506 24.62 -8.54 -10.03
C PRO A 506 23.42 -8.58 -9.10
N ALA A 507 23.48 -9.45 -8.09
CA ALA A 507 22.46 -9.55 -7.04
C ALA A 507 23.18 -9.62 -5.70
N GLU A 508 23.34 -8.45 -5.09
CA GLU A 508 24.00 -8.34 -3.79
C GLU A 508 23.35 -9.25 -2.76
N ARG A 509 22.03 -9.16 -2.60
CA ARG A 509 21.30 -9.88 -1.57
C ARG A 509 20.14 -10.65 -2.20
N VAL A 510 19.77 -11.76 -1.56
CA VAL A 510 18.69 -12.61 -2.03
C VAL A 510 17.81 -13.00 -0.86
N LEU A 511 16.50 -12.84 -1.05
CA LEU A 511 15.51 -13.24 -0.05
C LEU A 511 14.84 -14.53 -0.52
N VAL A 512 15.15 -15.64 0.16
CA VAL A 512 14.55 -16.93 -0.14
C VAL A 512 13.31 -17.09 0.71
N VAL A 513 12.22 -17.55 0.09
CA VAL A 513 10.94 -17.80 0.77
C VAL A 513 10.55 -19.23 0.41
N TYR A 514 10.77 -20.16 1.33
CA TYR A 514 10.53 -21.57 1.08
C TYR A 514 9.34 -22.05 1.91
N VAL A 515 8.40 -22.72 1.26
CA VAL A 515 7.23 -23.29 1.91
C VAL A 515 7.37 -24.80 1.87
N GLY A 516 7.70 -25.39 3.01
CA GLY A 516 7.91 -26.82 3.09
C GLY A 516 8.71 -27.14 4.33
N ASP A 517 9.15 -28.41 4.40
CA ASP A 517 9.87 -28.91 5.55
C ASP A 517 11.24 -29.43 5.11
N GLY A 518 12.10 -29.67 6.10
CA GLY A 518 13.46 -30.09 5.83
C GLY A 518 14.37 -28.92 5.54
N GLU A 519 15.66 -29.23 5.40
CA GLU A 519 16.66 -28.22 5.13
C GLU A 519 16.91 -28.10 3.63
N LEU A 520 17.19 -26.88 3.19
CA LEU A 520 17.54 -26.57 1.81
C LEU A 520 19.04 -26.36 1.66
N PRO A 521 19.57 -26.46 0.45
CA PRO A 521 21.00 -26.14 0.23
C PRO A 521 21.22 -24.63 0.05
N VAL A 522 21.12 -23.90 1.16
CA VAL A 522 21.31 -22.45 1.16
C VAL A 522 21.96 -22.05 2.48
N LYS A 523 23.12 -21.41 2.40
CA LYS A 523 23.86 -21.00 3.58
C LYS A 523 23.44 -19.60 3.99
N THR A 524 23.03 -19.44 5.25
CA THR A 524 22.61 -18.16 5.80
C THR A 524 23.69 -17.55 6.70
N ASN A 525 24.96 -17.81 6.41
CA ASN A 525 26.05 -17.32 7.26
C ASN A 525 26.38 -15.87 6.96
N ASP A 526 26.91 -15.60 5.77
CA ASP A 526 27.21 -14.23 5.38
C ASP A 526 25.93 -13.39 5.29
N GLY A 527 26.11 -12.09 5.12
CA GLY A 527 24.98 -11.19 5.09
C GLY A 527 24.38 -11.01 3.71
N LYS A 528 24.29 -12.10 2.93
CA LYS A 528 23.84 -12.02 1.55
C LYS A 528 22.51 -12.71 1.28
N VAL A 529 22.09 -13.65 2.12
CA VAL A 529 20.87 -14.41 1.90
C VAL A 529 20.05 -14.42 3.18
N PHE A 530 18.75 -14.13 3.08
CA PHE A 530 17.84 -14.29 4.21
C PHE A 530 16.77 -15.30 3.84
N LEU A 531 16.57 -16.29 4.72
CA LEU A 531 15.64 -17.39 4.49
C LEU A 531 14.40 -17.24 5.36
N VAL A 532 13.23 -17.35 4.74
CA VAL A 532 11.96 -17.43 5.44
C VAL A 532 11.36 -18.79 5.13
N GLN A 533 11.38 -19.68 6.12
CA GLN A 533 10.88 -21.04 5.95
C GLN A 533 9.52 -21.16 6.62
N ILE A 534 8.54 -21.64 5.87
CA ILE A 534 7.20 -21.94 6.36
C ILE A 534 7.10 -23.47 6.44
N CYS A 535 7.17 -24.01 7.65
CA CYS A 535 7.20 -25.44 7.86
C CYS A 535 6.01 -25.87 8.72
N THR A 536 5.95 -27.17 8.99
CA THR A 536 4.94 -27.74 9.87
C THR A 536 5.57 -28.51 11.03
N LYS A 537 6.89 -28.47 11.17
CA LYS A 537 7.61 -29.17 12.21
C LYS A 537 8.24 -28.17 13.18
N GLU A 538 9.12 -28.69 14.04
CA GLU A 538 9.75 -27.84 15.06
C GLU A 538 10.65 -26.80 14.40
N THR A 539 10.87 -25.70 15.12
CA THR A 539 11.72 -24.63 14.62
C THR A 539 13.07 -24.65 15.33
N GLU A 540 13.10 -24.22 16.58
CA GLU A 540 14.33 -24.09 17.36
C GLU A 540 15.34 -23.22 16.61
N ASP A 541 14.87 -22.06 16.16
CA ASP A 541 15.68 -21.19 15.31
C ASP A 541 16.83 -20.59 16.10
N LYS A 542 17.99 -20.50 15.46
CA LYS A 542 19.20 -19.97 16.10
C LYS A 542 19.88 -18.89 15.28
N CYS A 543 19.99 -19.07 13.97
CA CYS A 543 20.61 -18.08 13.12
C CYS A 543 19.73 -16.83 13.01
N VAL A 544 20.37 -15.67 12.92
CA VAL A 544 19.63 -14.40 12.83
C VAL A 544 19.19 -14.08 11.41
N ASN A 545 19.69 -14.82 10.41
CA ASN A 545 19.30 -14.62 9.03
C ASN A 545 18.25 -15.63 8.57
N ARG A 546 17.45 -16.14 9.50
CA ARG A 546 16.42 -17.12 9.19
C ARG A 546 15.18 -16.83 10.01
N LEU A 547 14.02 -17.11 9.43
CA LEU A 547 12.73 -16.94 10.09
C LEU A 547 11.93 -18.22 9.82
N THR A 548 11.82 -19.09 10.83
CA THR A 548 11.10 -20.35 10.70
C THR A 548 9.71 -20.19 11.30
N LEU A 549 8.71 -20.75 10.61
CA LEU A 549 7.32 -20.62 11.04
C LEU A 549 6.62 -21.97 10.94
N CYS A 550 5.92 -22.34 12.00
CA CYS A 550 5.17 -23.59 12.05
C CYS A 550 3.73 -23.34 12.46
N GLY A 554 -5.14 -26.36 11.67
CA GLY A 554 -5.14 -26.02 10.27
C GLY A 554 -6.22 -25.03 9.86
N GLU A 555 -7.25 -24.91 10.70
CA GLU A 555 -8.37 -24.03 10.37
C GLU A 555 -7.97 -22.56 10.50
N SER A 556 -7.37 -22.19 11.63
CA SER A 556 -6.91 -20.82 11.86
C SER A 556 -5.60 -20.51 11.16
N LEU A 557 -5.19 -21.35 10.20
CA LEU A 557 -3.90 -21.14 9.54
C LEU A 557 -3.88 -19.90 8.68
N THR A 558 -5.03 -19.52 8.09
CA THR A 558 -5.05 -18.35 7.21
C THR A 558 -4.80 -17.06 7.98
N ALA A 559 -5.55 -16.87 9.08
CA ALA A 559 -5.37 -15.66 9.89
C ALA A 559 -3.96 -15.59 10.47
N GLY A 560 -3.46 -16.72 10.98
CA GLY A 560 -2.11 -16.74 11.51
C GLY A 560 -1.05 -16.43 10.46
N PHE A 561 -1.22 -16.99 9.25
CA PHE A 561 -0.25 -16.71 8.19
C PHE A 561 -0.28 -15.26 7.76
N MET A 562 -1.47 -14.67 7.66
CA MET A 562 -1.55 -13.26 7.30
C MET A 562 -0.92 -12.39 8.38
N GLN A 563 -1.16 -12.73 9.65
CA GLN A 563 -0.55 -12.00 10.75
C GLN A 563 0.97 -12.09 10.69
N ALA A 564 1.50 -13.30 10.41
CA ALA A 564 2.94 -13.47 10.33
C ALA A 564 3.54 -12.75 9.12
N LEU A 565 2.78 -12.68 8.02
CA LEU A 565 3.26 -11.99 6.83
C LEU A 565 3.33 -10.49 7.05
N LEU A 566 2.30 -9.92 7.70
CA LEU A 566 2.26 -8.47 7.90
C LEU A 566 3.14 -8.03 9.06
N GLY A 567 3.34 -8.87 10.07
CA GLY A 567 4.02 -8.45 11.27
C GLY A 567 5.47 -8.85 11.38
N LEU A 568 5.86 -9.91 10.66
CA LEU A 568 7.23 -10.43 10.75
C LEU A 568 7.92 -10.49 9.41
N ILE A 569 7.25 -11.06 8.38
CA ILE A 569 7.92 -11.28 7.11
C ILE A 569 8.22 -9.97 6.40
N LEU A 570 7.20 -9.13 6.23
CA LEU A 570 7.35 -7.89 5.47
C LEU A 570 8.30 -6.90 6.14
N PRO A 571 8.26 -6.70 7.46
CA PRO A 571 9.25 -5.78 8.07
C PRO A 571 10.68 -6.22 7.85
N VAL A 572 10.98 -7.50 8.14
CA VAL A 572 12.34 -8.01 7.95
C VAL A 572 12.74 -7.89 6.48
N ALA A 573 11.86 -8.28 5.59
CA ALA A 573 12.19 -8.27 4.17
C ALA A 573 12.39 -6.86 3.63
N TYR A 574 11.63 -5.89 4.15
CA TYR A 574 11.82 -4.51 3.72
C TYR A 574 13.12 -3.93 4.26
N GLU A 575 13.46 -4.23 5.51
CA GLU A 575 14.75 -3.79 6.02
C GLU A 575 15.91 -4.47 5.28
N PHE A 576 15.70 -5.70 4.82
CA PHE A 576 16.75 -6.45 4.16
C PHE A 576 17.08 -5.87 2.79
N ASN A 577 16.06 -5.38 2.07
CA ASN A 577 16.21 -4.77 0.75
C ASN A 577 16.95 -5.68 -0.21
N PRO A 578 16.34 -6.79 -0.64
CA PRO A 578 17.04 -7.72 -1.52
C PRO A 578 16.99 -7.27 -2.97
N ALA A 579 17.86 -7.87 -3.76
CA ALA A 579 17.86 -7.66 -5.21
C ALA A 579 17.08 -8.74 -5.95
N LEU A 580 16.74 -9.84 -5.29
CA LEU A 580 16.02 -10.93 -5.92
C LEU A 580 15.29 -11.73 -4.84
N VAL A 581 14.00 -11.94 -5.04
CA VAL A 581 13.19 -12.82 -4.20
C VAL A 581 13.07 -14.17 -4.90
N LEU A 582 13.32 -15.25 -4.16
CA LEU A 582 13.36 -16.60 -4.71
C LEU A 582 12.34 -17.44 -3.94
N GLY A 583 11.26 -17.81 -4.59
CA GLY A 583 10.17 -18.54 -3.96
C GLY A 583 10.24 -20.02 -4.26
N ILE A 584 10.00 -20.84 -3.23
CA ILE A 584 10.04 -22.28 -3.32
C ILE A 584 8.77 -22.84 -2.66
N VAL A 585 8.16 -23.84 -3.29
CA VAL A 585 6.98 -24.51 -2.75
C VAL A 585 7.15 -26.01 -2.95
N GLU A 586 7.18 -26.76 -1.86
CA GLU A 586 7.43 -28.19 -1.93
C GLU A 586 6.16 -28.96 -2.28
N GLU A 587 6.36 -30.18 -2.81
CA GLU A 587 5.31 -31.13 -3.18
C GLU A 587 3.96 -30.52 -3.55
N THR A 592 -3.17 -28.54 0.40
CA THR A 592 -2.69 -27.29 -0.19
C THR A 592 -3.31 -26.08 0.50
N ARG A 593 -2.87 -25.83 1.74
CA ARG A 593 -3.34 -24.64 2.45
C ARG A 593 -2.79 -23.36 1.82
N LEU A 594 -1.61 -23.44 1.19
CA LEU A 594 -1.04 -22.30 0.50
C LEU A 594 -1.99 -21.73 -0.55
N MET A 595 -2.96 -22.53 -1.03
CA MET A 595 -3.93 -22.03 -2.00
C MET A 595 -4.70 -20.84 -1.46
N ARG A 596 -4.85 -20.73 -0.14
CA ARG A 596 -5.60 -19.62 0.43
C ARG A 596 -4.80 -18.33 0.45
N VAL A 597 -3.49 -18.40 0.65
CA VAL A 597 -2.69 -17.23 0.98
C VAL A 597 -1.59 -16.94 -0.03
N TRP A 598 -1.19 -17.90 -0.87
CA TRP A 598 0.02 -17.75 -1.67
C TRP A 598 -0.06 -16.53 -2.58
N GLY A 599 -1.23 -16.25 -3.14
CA GLY A 599 -1.37 -15.10 -4.01
C GLY A 599 -1.11 -13.79 -3.29
N HIS A 600 -1.66 -13.65 -2.08
CA HIS A 600 -1.41 -12.44 -1.29
C HIS A 600 0.07 -12.29 -0.96
N MET A 601 0.73 -13.39 -0.61
CA MET A 601 2.17 -13.32 -0.31
C MET A 601 2.95 -12.90 -1.55
N THR A 602 2.64 -13.48 -2.71
CA THR A 602 3.35 -13.10 -3.93
C THR A 602 3.16 -11.62 -4.25
N CYS A 603 1.91 -11.15 -4.19
CA CYS A 603 1.62 -9.75 -4.49
C CYS A 603 2.33 -8.81 -3.52
N LEU A 604 2.30 -9.12 -2.23
CA LEU A 604 2.89 -8.21 -1.24
C LEU A 604 4.42 -8.28 -1.27
N ILE A 605 4.99 -9.45 -1.54
CA ILE A 605 6.44 -9.58 -1.59
C ILE A 605 7.02 -9.00 -2.86
N GLN A 606 6.21 -8.81 -3.91
CA GLN A 606 6.71 -8.11 -5.08
C GLN A 606 7.08 -6.66 -4.80
N GLY A 607 6.68 -6.11 -3.65
CA GLY A 607 7.12 -4.77 -3.27
C GLY A 607 8.61 -4.63 -3.06
N LEU A 608 9.37 -5.71 -3.19
CA LEU A 608 10.81 -5.68 -3.01
C LEU A 608 11.51 -6.07 -4.32
N ALA A 609 12.79 -5.70 -4.41
CA ALA A 609 13.66 -6.10 -5.51
C ALA A 609 13.12 -5.67 -6.87
N ARG A 610 12.38 -4.55 -6.89
CA ARG A 610 11.72 -4.05 -8.09
C ARG A 610 10.78 -5.10 -8.68
N GLY A 611 10.24 -5.97 -7.84
CA GLY A 611 9.34 -7.03 -8.29
C GLY A 611 10.02 -8.23 -8.88
N ARG A 612 11.35 -8.25 -8.98
CA ARG A 612 12.07 -9.37 -9.59
C ARG A 612 11.98 -10.58 -8.67
N MET A 613 11.08 -11.51 -8.99
CA MET A 613 10.87 -12.71 -8.19
C MET A 613 10.87 -13.93 -9.09
N LEU A 614 11.67 -14.93 -8.73
CA LEU A 614 11.70 -16.21 -9.42
C LEU A 614 11.12 -17.27 -8.49
N THR A 615 9.97 -17.83 -8.87
CA THR A 615 9.32 -18.87 -8.10
C THR A 615 9.66 -20.23 -8.71
N LEU A 616 10.00 -21.19 -7.85
CA LEU A 616 10.25 -22.56 -8.27
C LEU A 616 9.20 -23.44 -7.60
N LEU A 617 8.42 -24.15 -8.42
CA LEU A 617 7.35 -25.01 -7.94
C LEU A 617 7.74 -26.47 -8.17
N GLN A 618 7.76 -27.25 -7.09
CA GLN A 618 8.14 -28.66 -7.16
C GLN A 618 6.87 -29.48 -7.30
N GLY A 619 6.47 -29.74 -8.53
CA GLY A 619 5.27 -30.51 -8.80
C GLY A 619 4.21 -29.66 -9.46
N TYR A 620 3.51 -30.26 -10.42
CA TYR A 620 2.48 -29.55 -11.16
C TYR A 620 1.20 -29.46 -10.35
N ASP A 621 0.63 -28.26 -10.28
CA ASP A 621 -0.69 -28.03 -9.71
C ASP A 621 -1.32 -26.91 -10.52
N LYS A 622 -2.33 -27.27 -11.34
CA LYS A 622 -2.94 -26.28 -12.22
C LYS A 622 -3.46 -25.08 -11.44
N ASP A 623 -4.12 -25.32 -10.30
CA ASP A 623 -4.61 -24.22 -9.49
C ASP A 623 -3.47 -23.39 -8.92
N LEU A 624 -2.47 -24.05 -8.33
CA LEU A 624 -1.35 -23.33 -7.74
C LEU A 624 -0.54 -22.59 -8.79
N LEU A 625 -0.30 -23.23 -9.93
CA LEU A 625 0.44 -22.57 -11.01
C LEU A 625 -0.33 -21.37 -11.55
N GLU A 626 -1.64 -21.53 -11.74
CA GLU A 626 -2.47 -20.42 -12.21
C GLU A 626 -2.41 -19.25 -11.23
N LEU A 627 -2.57 -19.54 -9.93
CA LEU A 627 -2.53 -18.48 -8.93
C LEU A 627 -1.17 -17.80 -8.88
N THR A 628 -0.10 -18.59 -8.93
CA THR A 628 1.26 -18.05 -8.91
C THR A 628 1.46 -17.09 -10.07
N VAL A 629 1.17 -17.54 -11.29
CA VAL A 629 1.43 -16.71 -12.46
C VAL A 629 0.51 -15.48 -12.46
N SER A 630 -0.73 -15.65 -12.00
CA SER A 630 -1.66 -14.52 -11.97
C SER A 630 -1.17 -13.44 -11.00
N ALA A 631 -0.72 -13.84 -9.81
CA ALA A 631 -0.21 -12.87 -8.86
C ALA A 631 1.08 -12.23 -9.35
N LEU A 632 1.95 -13.02 -10.00
CA LEU A 632 3.20 -12.48 -10.50
C LEU A 632 2.98 -11.47 -11.61
N SER A 633 2.03 -11.75 -12.52
CA SER A 633 1.79 -10.89 -13.67
C SER A 633 1.02 -9.62 -13.33
N GLY A 634 0.51 -9.49 -12.12
CA GLY A 634 -0.12 -8.26 -11.68
C GLY A 634 -1.64 -8.24 -11.69
N ALA A 635 -2.29 -9.39 -11.82
CA ALA A 635 -3.75 -9.41 -11.77
C ALA A 635 -4.23 -9.14 -10.35
N SER A 636 -5.55 -8.93 -10.24
CA SER A 636 -6.14 -8.64 -8.93
C SER A 636 -6.15 -9.89 -8.07
N ILE A 637 -5.80 -9.72 -6.80
CA ILE A 637 -5.86 -10.82 -5.84
C ILE A 637 -7.28 -10.95 -5.31
N SER A 638 -7.72 -12.18 -5.09
CA SER A 638 -9.06 -12.40 -4.56
C SER A 638 -9.07 -12.19 -3.05
N PRO A 639 -10.15 -11.62 -2.51
CA PRO A 639 -10.19 -11.37 -1.07
C PRO A 639 -10.19 -12.66 -0.26
N LEU A 640 -9.54 -12.60 0.90
CA LEU A 640 -9.49 -13.73 1.81
C LEU A 640 -10.77 -13.92 2.60
N GLY A 641 -11.69 -12.98 2.53
CA GLY A 641 -12.84 -12.97 3.41
C GLY A 641 -12.45 -12.40 4.76
N PRO A 642 -13.43 -11.91 5.51
CA PRO A 642 -13.14 -11.33 6.83
C PRO A 642 -12.36 -12.28 7.73
N LEU A 643 -11.10 -11.95 8.01
CA LEU A 643 -10.27 -12.78 8.86
C LEU A 643 -10.75 -12.70 10.31
N ARG A 644 -10.26 -13.63 11.12
CA ARG A 644 -10.68 -13.71 12.52
C ARG A 644 -9.49 -13.71 13.46
N ALA A 645 -9.36 -14.75 14.29
CA ALA A 645 -8.33 -14.82 15.28
C ALA A 645 -7.44 -16.04 15.07
N PRO A 646 -6.13 -15.88 15.14
CA PRO A 646 -5.24 -17.05 15.07
C PRO A 646 -5.16 -17.77 16.40
N LYS A 647 -4.64 -18.99 16.33
CA LYS A 647 -4.49 -19.80 17.55
C LYS A 647 -3.52 -19.12 18.50
N PRO A 648 -3.82 -19.08 19.80
CA PRO A 648 -2.93 -18.39 20.75
C PRO A 648 -1.51 -18.94 20.77
N GLU A 649 -1.33 -20.24 20.55
CA GLU A 649 0.02 -20.79 20.46
C GLU A 649 0.79 -20.15 19.31
N ASP A 650 0.10 -19.93 18.17
CA ASP A 650 0.75 -19.29 17.03
C ASP A 650 1.12 -17.84 17.34
N VAL A 651 0.26 -17.12 18.06
CA VAL A 651 0.56 -15.74 18.41
C VAL A 651 1.76 -15.69 19.35
N GLU A 652 1.81 -16.59 20.33
CA GLU A 652 2.98 -16.68 21.21
C GLU A 652 4.24 -16.96 20.41
N MET A 653 4.16 -17.86 19.43
CA MET A 653 5.31 -18.18 18.61
C MET A 653 5.77 -16.98 17.79
N MET A 654 4.81 -16.22 17.25
CA MET A 654 5.17 -15.03 16.47
C MET A 654 5.82 -13.98 17.36
N GLU A 655 5.29 -13.77 18.57
CA GLU A 655 5.91 -12.82 19.49
C GLU A 655 7.31 -13.26 19.89
N LYS A 656 7.52 -14.58 20.05
CA LYS A 656 8.85 -15.08 20.35
C LYS A 656 9.82 -14.83 19.20
N GLN A 657 9.38 -15.10 17.96
CA GLN A 657 10.23 -14.80 16.81
C GLN A 657 10.57 -13.32 16.72
N ARG A 658 9.59 -12.46 16.99
CA ARG A 658 9.83 -11.02 16.96
C ARG A 658 10.87 -10.62 17.99
N GLN A 659 10.69 -11.06 19.25
CA GLN A 659 11.66 -10.74 20.29
C GLN A 659 13.04 -11.32 19.96
N ARG A 660 13.09 -12.44 19.24
CA ARG A 660 14.38 -12.99 18.86
C ARG A 660 15.07 -12.14 17.80
N LEU A 661 14.30 -11.59 16.86
CA LEU A 661 14.90 -10.94 15.69
C LEU A 661 14.92 -9.42 15.76
N GLN A 662 14.12 -8.79 16.62
CA GLN A 662 13.93 -7.34 16.50
C GLN A 662 15.17 -6.54 16.92
N GLU A 663 16.13 -7.15 17.61
CA GLU A 663 17.37 -6.44 17.91
C GLU A 663 18.16 -6.18 16.63
N ARG A 664 18.22 -7.17 15.74
CA ARG A 664 18.93 -7.00 14.48
C ARG A 664 18.06 -6.26 13.46
N TRP A 665 16.76 -6.52 13.46
CA TRP A 665 15.84 -5.98 12.45
C TRP A 665 14.89 -5.01 13.15
N GLY A 666 15.31 -3.74 13.24
CA GLY A 666 14.55 -2.74 13.98
C GLY A 666 13.14 -2.52 13.46
N LEU A 667 12.89 -2.82 12.19
CA LEU A 667 11.56 -2.61 11.62
C LEU A 667 10.52 -3.54 12.23
N LEU A 668 10.94 -4.56 12.97
CA LEU A 668 10.01 -5.45 13.67
C LEU A 668 9.42 -4.82 14.93
N ARG A 669 10.02 -3.74 15.42
CA ARG A 669 9.59 -3.18 16.69
C ARG A 669 8.23 -2.50 16.57
N CYS A 670 7.37 -2.74 17.56
CA CYS A 670 6.11 -2.02 17.71
C CYS A 670 5.93 -1.54 19.15
N THR A 671 7.00 -1.53 19.94
CA THR A 671 7.02 -0.94 21.28
C THR A 671 8.37 -0.28 21.49
N VAL A 672 8.37 0.80 22.26
CA VAL A 672 9.63 1.46 22.60
C VAL A 672 10.48 0.51 23.44
N SER A 673 11.76 0.40 23.08
CA SER A 673 12.63 -0.58 23.71
C SER A 673 12.93 -0.21 25.15
N GLU A 674 13.33 -1.22 25.93
CA GLU A 674 13.65 -1.03 27.34
C GLU A 674 15.14 -0.71 27.50
N SER A 675 15.42 0.41 28.15
CA SER A 675 16.80 0.80 28.40
C SER A 675 17.38 -0.01 29.55
N TRP A 676 18.52 -0.66 29.31
CA TRP A 676 19.18 -1.46 30.32
C TRP A 676 19.60 -0.58 31.50
C02 A1AVP B . -5.04 21.13 4.70
C03 A1AVP B . -3.74 21.82 5.11
C04 A1AVP B . -3.69 22.97 6.07
C05 A1AVP B . -2.57 23.79 6.19
C06 A1AVP B . -2.52 24.86 7.10
C07 A1AVP B . -3.58 25.19 7.97
C08 A1AVP B . -3.51 26.35 8.97
C09 A1AVP B . -2.76 26.06 10.30
C10 A1AVP B . -1.70 27.10 10.79
C12 A1AVP B . -4.72 24.34 7.85
C13 A1AVP B . -4.77 23.25 6.94
N11 A1AVP B . -2.26 28.47 10.93
O14 A1AVP B . -2.67 21.38 4.61
S01 A1AVP B . -4.74 19.47 3.93
C1 EDO C . -14.07 30.13 13.26
O1 EDO C . -13.38 29.10 13.94
C2 EDO C . -13.31 31.43 13.40
O2 EDO C . -12.04 31.30 12.83
C1 EDO D . 13.31 15.98 -2.31
O1 EDO D . 12.18 15.41 -2.93
C2 EDO D . 12.92 17.24 -1.57
O2 EDO D . 12.19 18.08 -2.43
K K E . -15.55 4.78 11.52
K K F . -4.14 12.21 7.91
P PO4 G . 7.46 11.97 22.63
O1 PO4 G . 7.32 13.52 22.78
O2 PO4 G . 8.95 11.61 22.29
O3 PO4 G . 7.05 11.29 23.99
O4 PO4 G . 6.52 11.45 21.49
P PO4 H . -0.07 12.02 23.15
O1 PO4 H . 0.64 13.38 23.37
O2 PO4 H . -0.48 11.89 21.64
O3 PO4 H . 0.89 10.83 23.53
O4 PO4 H . -1.35 11.94 24.05
ZN ZN I . -2.81 18.47 4.84
#